data_1YPM
#
_entry.id   1YPM
#
_cell.length_a   69.652
_cell.length_b   71.721
_cell.length_c   71.331
_cell.angle_alpha   90.00
_cell.angle_beta   99.73
_cell.angle_gamma   90.00
#
_symmetry.space_group_name_H-M   'C 1 2 1'
#
loop_
_entity.id
_entity.type
_entity.pdbx_description
1 polymer 'thrombin light chain'
2 polymer 'Thrombin heavy chain'
3 polymer Hirudin
4 non-polymer N-(4-NITROBENZOYL)-L-LEUCYL-N-(4-{[AMINO(IMINO)METHYL]AMINO}BUTYL)-L-PROLINAMIDE
5 water water
#
loop_
_entity_poly.entity_id
_entity_poly.type
_entity_poly.pdbx_seq_one_letter_code
_entity_poly.pdbx_strand_id
1 'polypeptide(L)' ADCGLRPLFEKKSLEDKTERELLESYI L
2 'polypeptide(L)'
;IVEGSDAEIGMSPWQVMLFRKSPQELLCGASLISDRWVLTAAHCLLYPPWDKNFTENDLLVRIGKHSRTRYERNIEKISM
LEKIYIHPRYNWRENLDRDIALMKLKKPVAFSDYIHPVCLPDRETAASLLQAGYKGRVTGWGNLKETWTANVGKGQPSVL
QVVNLPIVERPVCKDSTRIRITDNMFCAGYKPDEGKRGDACEGDSGGPFVMKSPFNNRWYQMGIVSWGEGCDRDGKYGFY
THVFRLKKWIQKVIDQF
;
H
3 'polypeptide(L)' DFEEIPEE(TYS)L I
#
loop_
_chem_comp.id
_chem_comp.type
_chem_comp.name
_chem_comp.formula
RA4 peptide-like N-(4-NITROBENZOYL)-L-LEUCYL-N-(4-{[AMINO(IMINO)METHYL]AMINO}BUTYL)-L-PROLINAMIDE 'C23 H35 N7 O5'
#
# COMPACT_ATOMS: atom_id res chain seq x y z
N ALA A 1 -3.91 5.00 17.96
CA ALA A 1 -3.64 4.82 19.39
C ALA A 1 -2.94 3.49 19.65
N ASP A 2 -3.49 2.44 19.03
CA ASP A 2 -2.82 1.15 18.98
C ASP A 2 -2.37 0.91 17.54
N CYS A 3 -2.46 1.99 16.76
CA CYS A 3 -2.12 1.88 15.34
C CYS A 3 -0.75 1.28 15.16
N GLY A 4 -0.45 0.49 14.14
CA GLY A 4 0.97 0.27 13.88
C GLY A 4 1.60 -0.81 14.74
N LEU A 5 0.81 -1.34 15.68
CA LEU A 5 1.33 -2.43 16.52
C LEU A 5 0.63 -3.73 16.21
N ARG A 6 1.35 -4.67 15.60
CA ARG A 6 0.68 -5.87 15.13
C ARG A 6 0.45 -6.87 16.24
N PRO A 7 -0.78 -7.38 16.34
CA PRO A 7 -1.10 -8.43 17.32
C PRO A 7 -0.15 -9.62 17.36
N LEU A 8 0.32 -10.07 16.21
CA LEU A 8 1.12 -11.28 16.12
C LEU A 8 2.62 -11.01 16.17
N PHE A 9 2.97 -9.74 16.28
CA PHE A 9 4.38 -9.33 16.34
C PHE A 9 4.63 -8.35 17.47
N GLU A 10 4.50 -7.04 17.30
CA GLU A 10 4.81 -6.09 18.36
C GLU A 10 4.14 -6.36 19.70
N LYS A 11 2.84 -6.62 19.65
CA LYS A 11 2.00 -6.86 20.80
C LYS A 11 2.44 -8.07 21.61
N LYS A 12 3.04 -9.08 20.99
CA LYS A 12 3.61 -10.27 21.56
C LYS A 12 5.14 -10.24 21.64
N SER A 13 5.77 -9.12 21.30
CA SER A 13 7.22 -9.02 21.27
C SER A 13 7.86 -10.09 20.40
N LEU A 14 7.24 -10.33 19.25
CA LEU A 14 7.83 -11.16 18.21
C LEU A 14 8.19 -10.30 17.00
N GLU A 15 9.34 -10.58 16.40
CA GLU A 15 9.87 -9.89 15.25
C GLU A 15 9.60 -10.72 14.01
N ASP A 16 9.27 -10.10 12.89
CA ASP A 16 9.16 -10.87 11.64
C ASP A 16 10.57 -11.05 11.08
N LYS A 17 10.70 -11.87 10.06
CA LYS A 17 12.00 -12.28 9.53
C LYS A 17 12.81 -11.17 8.90
N THR A 18 12.24 -10.04 8.48
CA THR A 18 13.10 -9.04 7.82
C THR A 18 13.00 -7.67 8.44
N GLU A 19 12.21 -7.42 9.49
CA GLU A 19 12.14 -6.05 10.00
C GLU A 19 13.49 -5.53 10.48
N ARG A 20 14.38 -6.44 10.86
CA ARG A 20 15.74 -6.06 11.24
C ARG A 20 16.44 -5.34 10.10
N GLU A 21 16.25 -5.82 8.87
CA GLU A 21 16.89 -5.12 7.74
C GLU A 21 16.47 -3.66 7.68
N LEU A 22 15.22 -3.37 8.07
CA LEU A 22 14.77 -1.98 8.04
C LEU A 22 15.52 -1.18 9.11
N LEU A 23 15.52 -1.74 10.32
CA LEU A 23 16.17 -1.07 11.44
C LEU A 23 17.62 -0.73 11.08
N GLU A 24 18.34 -1.68 10.51
CA GLU A 24 19.77 -1.48 10.26
C GLU A 24 19.97 -0.37 9.24
N SER A 25 18.92 -0.07 8.46
CA SER A 25 19.03 1.03 7.49
C SER A 25 18.72 2.37 8.11
N TYR A 26 18.16 2.40 9.33
CA TYR A 26 17.85 3.71 9.91
C TYR A 26 19.05 4.23 10.69
N ILE A 27 19.89 5.05 10.08
CA ILE A 27 21.17 5.35 10.72
C ILE A 27 21.21 6.62 11.55
N ILE B 1 4.21 -8.01 -6.75
CA ILE B 1 5.55 -7.76 -6.24
C ILE B 1 6.58 -8.62 -6.96
N VAL B 2 7.63 -7.99 -7.49
CA VAL B 2 8.63 -8.78 -8.21
C VAL B 2 9.87 -8.96 -7.35
N GLU B 3 10.41 -10.17 -7.28
CA GLU B 3 11.62 -10.41 -6.48
C GLU B 3 11.39 -10.11 -5.01
N GLY B 4 10.19 -10.40 -4.51
CA GLY B 4 9.94 -10.29 -3.07
C GLY B 4 9.86 -11.69 -2.47
N SER B 5 9.08 -11.84 -1.41
CA SER B 5 8.93 -13.13 -0.74
C SER B 5 7.55 -13.26 -0.15
N ASP B 6 7.13 -14.48 0.18
CA ASP B 6 5.87 -14.65 0.89
C ASP B 6 5.85 -13.86 2.19
N ALA B 7 4.77 -13.14 2.45
CA ALA B 7 4.40 -12.57 3.72
C ALA B 7 4.31 -13.68 4.78
N GLU B 8 4.60 -13.32 6.01
CA GLU B 8 4.29 -14.09 7.19
C GLU B 8 2.85 -13.80 7.59
N ILE B 9 2.18 -14.75 8.24
CA ILE B 9 0.85 -14.55 8.79
C ILE B 9 0.84 -13.36 9.76
N GLY B 10 -0.06 -12.41 9.53
CA GLY B 10 -0.23 -11.26 10.39
C GLY B 10 0.87 -10.24 10.26
N MET B 11 1.73 -10.35 9.25
CA MET B 11 2.84 -9.47 9.00
C MET B 11 2.44 -8.07 8.53
N SER B 12 1.29 -7.98 7.89
CA SER B 12 0.74 -6.73 7.39
C SER B 12 -0.76 -6.67 7.58
N PRO B 13 -1.19 -6.62 8.83
CA PRO B 13 -2.62 -6.71 9.16
C PRO B 13 -3.44 -5.51 8.72
N TRP B 14 -2.81 -4.45 8.23
CA TRP B 14 -3.47 -3.30 7.62
C TRP B 14 -3.69 -3.52 6.12
N GLN B 15 -3.18 -4.63 5.60
CA GLN B 15 -3.23 -4.85 4.16
C GLN B 15 -4.69 -5.00 3.76
N VAL B 16 -5.07 -4.30 2.71
CA VAL B 16 -6.43 -4.37 2.17
C VAL B 16 -6.37 -4.78 0.70
N MET B 17 -7.34 -5.58 0.29
CA MET B 17 -7.49 -5.93 -1.11
C MET B 17 -8.73 -5.25 -1.69
N LEU B 18 -8.54 -4.50 -2.75
CA LEU B 18 -9.67 -3.93 -3.48
C LEU B 18 -10.10 -4.96 -4.52
N PHE B 19 -11.38 -5.32 -4.40
CA PHE B 19 -11.79 -6.52 -5.17
C PHE B 19 -12.96 -6.14 -6.05
N ARG B 20 -12.82 -6.40 -7.35
CA ARG B 20 -13.96 -6.11 -8.24
C ARG B 20 -15.06 -7.16 -8.09
N LYS B 21 -16.28 -6.71 -7.91
CA LYS B 21 -17.48 -7.52 -7.79
C LYS B 21 -17.75 -8.36 -9.04
N SER B 22 -17.85 -7.73 -10.20
CA SER B 22 -18.06 -8.51 -11.42
C SER B 22 -17.38 -7.84 -12.60
N PRO B 23 -16.40 -8.44 -13.26
CA PRO B 23 -15.89 -9.78 -12.96
C PRO B 23 -15.05 -9.81 -11.67
N GLN B 24 -15.21 -10.85 -10.88
CA GLN B 24 -14.53 -10.92 -9.59
C GLN B 24 -13.02 -11.02 -9.80
N GLU B 25 -12.32 -9.90 -9.59
CA GLU B 25 -10.88 -9.85 -9.78
C GLU B 25 -10.20 -8.87 -8.82
N LEU B 26 -8.87 -8.95 -8.84
CA LEU B 26 -8.11 -8.03 -7.98
C LEU B 26 -8.14 -6.65 -8.62
N LEU B 27 -8.53 -5.60 -7.88
CA LEU B 27 -8.49 -4.28 -8.48
C LEU B 27 -7.21 -3.53 -8.12
N CYS B 28 -6.73 -3.73 -6.91
CA CYS B 28 -5.70 -2.92 -6.32
C CYS B 28 -5.47 -3.33 -4.86
N GLY B 29 -4.38 -2.82 -4.32
CA GLY B 29 -4.14 -2.90 -2.89
C GLY B 29 -4.67 -1.63 -2.24
N ALA B 30 -4.59 -1.62 -0.93
CA ALA B 30 -5.06 -0.55 -0.09
C ALA B 30 -4.59 -0.80 1.34
N SER B 31 -4.87 0.14 2.22
CA SER B 31 -4.48 0.09 3.61
C SER B 31 -5.62 0.43 4.58
N LEU B 32 -5.70 -0.28 5.70
CA LEU B 32 -6.64 0.05 6.75
C LEU B 32 -6.07 1.09 7.71
N ILE B 33 -6.73 2.25 7.82
CA ILE B 33 -6.17 3.29 8.68
C ILE B 33 -7.03 3.58 9.90
N SER B 34 -8.20 2.97 9.98
CA SER B 34 -9.05 3.00 11.17
C SER B 34 -10.14 1.98 11.01
N ASP B 35 -11.16 1.92 11.89
CA ASP B 35 -12.08 0.80 11.70
C ASP B 35 -13.11 1.07 10.61
N ARG B 36 -13.09 2.25 10.01
CA ARG B 36 -13.98 2.65 8.94
C ARG B 36 -13.27 3.39 7.80
N TRP B 37 -11.96 3.60 7.81
CA TRP B 37 -11.34 4.30 6.69
C TRP B 37 -10.22 3.46 6.06
N VAL B 38 -10.24 3.40 4.74
CA VAL B 38 -9.27 2.69 3.94
C VAL B 38 -8.56 3.62 2.96
N LEU B 39 -7.24 3.54 2.91
CA LEU B 39 -6.48 4.44 2.03
C LEU B 39 -5.93 3.68 0.83
N THR B 40 -5.94 4.35 -0.32
CA THR B 40 -5.47 3.72 -1.57
C THR B 40 -4.93 4.78 -2.54
N ALA B 41 -4.55 4.39 -3.74
CA ALA B 41 -4.14 5.34 -4.78
C ALA B 41 -5.36 5.80 -5.56
N ALA B 42 -5.43 7.10 -5.89
CA ALA B 42 -6.59 7.53 -6.67
C ALA B 42 -6.71 6.78 -7.99
N HIS B 43 -5.56 6.46 -8.62
CA HIS B 43 -5.58 5.81 -9.92
C HIS B 43 -6.26 4.44 -9.83
N CYS B 44 -6.40 3.87 -8.64
CA CYS B 44 -7.17 2.64 -8.47
C CYS B 44 -8.65 2.81 -8.72
N LEU B 45 -9.18 4.00 -8.50
CA LEU B 45 -10.61 4.22 -8.74
C LEU B 45 -10.84 5.13 -9.95
N LEU B 46 -9.86 5.96 -10.30
CA LEU B 46 -10.07 6.91 -11.40
C LEU B 46 -8.88 7.07 -12.33
N TYR B 47 -9.04 6.63 -13.58
CA TYR B 47 -8.04 6.78 -14.61
C TYR B 47 -8.67 6.78 -16.01
N PRO B 48 -9.11 7.98 -16.40
CA PRO B 48 -9.76 8.16 -17.70
C PRO B 48 -8.98 7.64 -18.89
N PRO B 49 -7.67 7.77 -19.01
CA PRO B 49 -7.01 7.27 -20.22
C PRO B 49 -7.25 5.78 -20.48
N TRP B 50 -7.56 5.04 -19.43
CA TRP B 50 -7.86 3.63 -19.46
C TRP B 50 -9.32 3.35 -19.16
N ASP B 51 -10.16 4.37 -19.22
CA ASP B 51 -11.59 4.19 -18.99
C ASP B 51 -11.86 3.56 -17.63
N LYS B 52 -11.03 3.93 -16.64
CA LYS B 52 -11.33 3.53 -15.27
C LYS B 52 -12.03 4.65 -14.49
N ASN B 53 -13.21 4.35 -13.97
CA ASN B 53 -13.91 5.23 -13.04
C ASN B 53 -14.79 4.35 -12.18
N PHE B 54 -14.27 3.89 -11.03
CA PHE B 54 -15.14 2.96 -10.30
C PHE B 54 -16.00 3.71 -9.30
N THR B 55 -17.24 3.25 -9.11
CA THR B 55 -17.98 3.82 -7.98
C THR B 55 -18.06 2.83 -6.83
N GLU B 56 -18.51 3.29 -5.68
CA GLU B 56 -18.71 2.52 -4.47
C GLU B 56 -19.24 1.12 -4.73
N ASN B 57 -20.36 0.99 -5.43
CA ASN B 57 -20.96 -0.32 -5.65
C ASN B 57 -20.20 -1.26 -6.56
N ASP B 58 -19.11 -0.86 -7.21
CA ASP B 58 -18.43 -1.78 -8.12
C ASP B 58 -17.42 -2.69 -7.42
N LEU B 59 -17.20 -2.45 -6.13
CA LEU B 59 -16.20 -3.25 -5.45
C LEU B 59 -16.48 -3.44 -3.96
N LEU B 60 -15.59 -4.22 -3.38
CA LEU B 60 -15.55 -4.45 -1.94
C LEU B 60 -14.09 -4.48 -1.46
N VAL B 61 -13.97 -4.29 -0.15
CA VAL B 61 -12.65 -4.36 0.47
C VAL B 61 -12.54 -5.67 1.25
N ARG B 62 -11.45 -6.39 1.01
CA ARG B 62 -11.20 -7.64 1.72
C ARG B 62 -9.99 -7.48 2.65
N ILE B 63 -10.28 -7.52 3.94
CA ILE B 63 -9.32 -7.24 4.98
C ILE B 63 -8.94 -8.51 5.73
N GLY B 64 -7.70 -8.58 6.14
CA GLY B 64 -7.14 -9.66 6.92
C GLY B 64 -6.77 -10.85 6.06
N LYS B 65 -6.61 -10.64 4.75
CA LYS B 65 -6.27 -11.69 3.82
C LYS B 65 -4.77 -11.98 3.72
N HIS B 66 -4.47 -13.20 3.28
CA HIS B 66 -3.14 -13.70 3.04
C HIS B 66 -3.06 -14.33 1.66
N SER B 67 -3.88 -15.35 1.45
CA SER B 67 -4.10 -15.99 0.16
C SER B 67 -4.76 -15.00 -0.81
N ARG B 68 -4.26 -14.95 -2.03
CA ARG B 68 -4.80 -14.04 -3.04
C ARG B 68 -6.20 -14.42 -3.45
N THR B 69 -6.32 -15.65 -3.94
CA THR B 69 -7.57 -16.15 -4.50
C THR B 69 -8.54 -16.75 -3.49
N ARG B 70 -8.08 -17.25 -2.35
CA ARG B 70 -8.96 -17.97 -1.44
C ARG B 70 -9.95 -17.09 -0.70
N TYR B 71 -11.18 -17.57 -0.48
CA TYR B 71 -12.04 -16.91 0.49
C TYR B 71 -11.59 -17.43 1.86
N GLU B 72 -10.94 -16.61 2.66
CA GLU B 72 -10.37 -17.12 3.92
C GLU B 72 -11.37 -17.00 5.06
N ARG B 73 -12.18 -18.06 5.11
CA ARG B 73 -13.23 -18.29 6.06
C ARG B 73 -12.76 -18.17 7.51
N ASN B 74 -13.42 -17.29 8.24
CA ASN B 74 -13.14 -17.04 9.65
C ASN B 74 -11.88 -16.22 9.84
N ILE B 75 -11.36 -15.66 8.75
CA ILE B 75 -10.18 -14.81 8.94
C ILE B 75 -10.42 -13.45 8.29
N GLU B 76 -10.60 -13.44 6.97
CA GLU B 76 -10.85 -12.15 6.32
C GLU B 76 -12.25 -11.66 6.67
N LYS B 77 -12.39 -10.36 6.49
CA LYS B 77 -13.66 -9.66 6.59
C LYS B 77 -13.86 -8.89 5.28
N ILE B 78 -15.06 -8.97 4.72
CA ILE B 78 -15.38 -8.27 3.47
C ILE B 78 -16.37 -7.16 3.78
N SER B 79 -16.03 -5.95 3.35
CA SER B 79 -16.73 -4.73 3.69
C SER B 79 -17.14 -3.97 2.43
N MET B 80 -18.32 -3.38 2.56
CA MET B 80 -18.91 -2.60 1.49
C MET B 80 -18.49 -1.13 1.61
N LEU B 81 -18.40 -0.46 0.46
CA LEU B 81 -18.09 0.95 0.40
C LEU B 81 -19.27 1.89 0.60
N GLU B 82 -19.24 2.67 1.67
CA GLU B 82 -20.15 3.79 1.86
C GLU B 82 -19.81 4.91 0.89
N LYS B 83 -18.55 5.37 0.85
CA LYS B 83 -18.30 6.58 0.03
C LYS B 83 -16.83 6.67 -0.35
N ILE B 84 -16.53 6.99 -1.60
CA ILE B 84 -15.17 7.15 -2.10
C ILE B 84 -14.77 8.61 -2.12
N TYR B 85 -13.54 8.95 -1.74
CA TYR B 85 -13.09 10.32 -1.75
C TYR B 85 -11.73 10.45 -2.45
N ILE B 86 -11.73 11.08 -3.61
CA ILE B 86 -10.50 11.30 -4.37
C ILE B 86 -9.93 12.69 -4.19
N HIS B 87 -8.61 12.83 -4.08
CA HIS B 87 -8.00 14.14 -3.97
C HIS B 87 -8.46 15.06 -5.11
N PRO B 88 -9.00 16.25 -4.82
CA PRO B 88 -9.61 17.09 -5.85
C PRO B 88 -8.65 17.58 -6.92
N ARG B 89 -7.39 17.71 -6.60
CA ARG B 89 -6.27 17.98 -7.49
C ARG B 89 -5.47 16.76 -7.90
N TYR B 90 -5.96 15.54 -7.80
CA TYR B 90 -5.30 14.35 -8.35
C TYR B 90 -5.04 14.55 -9.83
N ASN B 91 -3.78 14.44 -10.25
CA ASN B 91 -3.48 14.80 -11.65
C ASN B 91 -3.28 13.58 -12.53
N TRP B 92 -4.39 13.01 -12.98
CA TRP B 92 -4.34 11.83 -13.82
C TRP B 92 -3.89 12.20 -15.23
N ARG B 93 -3.96 13.50 -15.54
CA ARG B 93 -3.62 13.87 -16.92
C ARG B 93 -2.13 13.74 -17.20
N GLU B 94 -1.27 14.05 -16.22
CA GLU B 94 0.14 14.07 -16.55
C GLU B 94 1.02 13.11 -15.78
N ASN B 95 1.09 13.24 -14.46
CA ASN B 95 2.10 12.46 -13.73
C ASN B 95 1.61 11.79 -12.48
N LEU B 96 0.29 11.69 -12.29
CA LEU B 96 -0.23 11.04 -11.09
C LEU B 96 0.12 11.81 -9.82
N ASP B 97 0.35 13.11 -9.95
CA ASP B 97 0.53 13.96 -8.79
C ASP B 97 -0.67 13.86 -7.85
N ARG B 98 -0.44 13.75 -6.55
CA ARG B 98 -1.49 13.60 -5.55
C ARG B 98 -2.36 12.38 -5.80
N ASP B 99 -1.66 11.27 -6.03
CA ASP B 99 -2.28 9.98 -6.28
C ASP B 99 -2.76 9.36 -4.99
N ILE B 100 -3.92 9.83 -4.53
CA ILE B 100 -4.43 9.38 -3.24
C ILE B 100 -5.94 9.49 -3.15
N ALA B 101 -6.53 8.57 -2.41
CA ALA B 101 -7.96 8.47 -2.21
C ALA B 101 -8.28 7.73 -0.91
N LEU B 102 -9.38 8.12 -0.29
CA LEU B 102 -9.98 7.54 0.89
C LEU B 102 -11.31 6.88 0.58
N MET B 103 -11.56 5.83 1.35
CA MET B 103 -12.78 5.05 1.24
C MET B 103 -13.35 4.87 2.64
N LYS B 104 -14.56 5.36 2.84
CA LYS B 104 -15.26 5.13 4.09
C LYS B 104 -16.10 3.85 4.00
N LEU B 105 -16.01 3.01 5.03
CA LEU B 105 -16.72 1.75 5.06
C LEU B 105 -18.15 1.90 5.61
N LYS B 106 -19.04 1.07 5.06
CA LYS B 106 -20.42 1.04 5.53
C LYS B 106 -20.51 0.86 7.05
N LYS B 107 -19.76 -0.09 7.58
CA LYS B 107 -19.75 -0.40 9.00
C LYS B 107 -18.33 -0.64 9.48
N PRO B 108 -18.10 -0.50 10.78
CA PRO B 108 -16.72 -0.64 11.24
C PRO B 108 -16.25 -2.07 11.04
N VAL B 109 -14.97 -2.24 10.75
CA VAL B 109 -14.43 -3.59 10.71
C VAL B 109 -13.89 -3.94 12.09
N ALA B 110 -14.08 -5.19 12.53
CA ALA B 110 -13.56 -5.61 13.82
C ALA B 110 -12.08 -5.96 13.72
N PHE B 111 -11.30 -5.35 14.63
CA PHE B 111 -9.88 -5.72 14.60
C PHE B 111 -9.75 -7.14 15.16
N SER B 112 -8.66 -7.77 14.82
CA SER B 112 -8.29 -9.14 15.13
C SER B 112 -6.79 -9.37 14.99
N ASP B 113 -6.31 -10.60 15.23
CA ASP B 113 -4.88 -10.83 14.97
C ASP B 113 -4.47 -10.54 13.53
N TYR B 114 -5.41 -10.51 12.60
CA TYR B 114 -5.10 -10.40 11.19
C TYR B 114 -5.49 -9.06 10.59
N ILE B 115 -6.23 -8.29 11.37
CA ILE B 115 -6.80 -7.01 11.00
C ILE B 115 -6.47 -5.95 12.05
N HIS B 116 -5.68 -4.98 11.59
CA HIS B 116 -5.17 -3.94 12.47
C HIS B 116 -4.72 -2.73 11.67
N PRO B 117 -5.05 -1.53 12.10
CA PRO B 117 -4.65 -0.34 11.32
C PRO B 117 -3.19 0.05 11.45
N VAL B 118 -2.67 0.62 10.35
CA VAL B 118 -1.33 1.20 10.33
C VAL B 118 -1.41 2.66 10.78
N CYS B 119 -0.35 3.25 11.31
CA CYS B 119 -0.32 4.64 11.67
C CYS B 119 -0.04 5.54 10.45
N LEU B 120 -0.48 6.79 10.53
CA LEU B 120 -0.06 7.75 9.52
C LEU B 120 0.96 8.68 10.15
N PRO B 121 1.94 9.12 9.36
CA PRO B 121 3.05 9.85 9.94
C PRO B 121 2.69 11.31 10.19
N ASP B 122 3.31 11.91 11.20
CA ASP B 122 3.27 13.35 11.38
C ASP B 122 4.58 13.95 10.88
N ARG B 123 4.72 15.26 10.99
CA ARG B 123 5.83 15.93 10.31
C ARG B 123 7.21 15.39 10.64
N GLU B 124 7.39 14.99 11.90
CA GLU B 124 8.67 14.51 12.40
C GLU B 124 8.96 13.06 12.04
N THR B 125 7.91 12.21 12.02
CA THR B 125 8.10 10.84 11.55
C THR B 125 8.66 10.89 10.12
N ALA B 126 8.01 11.80 9.38
CA ALA B 126 8.38 12.02 8.00
C ALA B 126 9.83 12.48 7.91
N ALA B 127 10.17 13.59 8.55
CA ALA B 127 11.54 14.09 8.46
C ALA B 127 12.55 13.05 8.92
N SER B 128 12.21 12.36 10.00
CA SER B 128 13.08 11.35 10.57
C SER B 128 13.32 10.13 9.67
N LEU B 129 12.29 9.62 8.99
CA LEU B 129 12.46 8.36 8.27
C LEU B 129 12.56 8.45 6.75
N LEU B 130 12.04 9.53 6.18
CA LEU B 130 12.00 9.66 4.73
C LEU B 130 13.34 10.18 4.20
N GLN B 131 14.31 9.28 4.28
CA GLN B 131 15.69 9.59 3.96
C GLN B 131 16.24 8.56 2.99
N ALA B 132 16.96 9.07 2.00
CA ALA B 132 17.62 8.18 1.05
C ALA B 132 18.43 7.15 1.82
N GLY B 133 18.36 5.88 1.43
CA GLY B 133 19.07 4.85 2.17
C GLY B 133 18.17 4.09 3.12
N TYR B 134 17.24 4.81 3.74
CA TYR B 134 16.36 4.15 4.70
C TYR B 134 15.38 3.23 3.98
N LYS B 135 15.21 1.97 4.40
CA LYS B 135 14.27 1.08 3.74
C LYS B 135 12.86 1.14 4.35
N GLY B 136 11.90 0.93 3.45
CA GLY B 136 10.50 0.71 3.65
C GLY B 136 10.19 -0.70 3.16
N ARG B 137 8.94 -1.09 3.40
CA ARG B 137 8.41 -2.39 3.04
C ARG B 137 7.18 -2.23 2.16
N VAL B 138 7.15 -2.94 1.04
CA VAL B 138 5.97 -2.83 0.16
C VAL B 138 5.33 -4.22 0.06
N THR B 139 4.02 -4.24 0.14
CA THR B 139 3.26 -5.47 0.10
C THR B 139 2.13 -5.46 -0.91
N GLY B 140 1.84 -6.64 -1.47
CA GLY B 140 0.72 -6.75 -2.37
C GLY B 140 0.60 -8.11 -3.06
N TRP B 141 -0.51 -8.29 -3.78
CA TRP B 141 -0.81 -9.53 -4.48
C TRP B 141 -0.65 -9.37 -6.00
N GLY B 142 0.12 -8.37 -6.41
CA GLY B 142 0.32 -8.07 -7.80
C GLY B 142 1.27 -9.04 -8.49
N ASN B 143 1.50 -8.78 -9.77
CA ASN B 143 2.33 -9.55 -10.66
C ASN B 143 3.70 -9.88 -10.06
N LEU B 144 4.11 -11.14 -10.24
CA LEU B 144 5.45 -11.52 -9.79
C LEU B 144 6.50 -11.16 -10.82
N LYS B 145 6.06 -10.86 -12.03
CA LYS B 145 7.01 -10.49 -13.08
C LYS B 145 6.42 -9.38 -13.92
N GLU B 146 7.26 -8.58 -14.56
CA GLU B 146 6.72 -7.47 -15.36
C GLU B 146 5.72 -7.97 -16.41
N THR B 147 5.88 -9.21 -16.87
CA THR B 147 5.00 -9.76 -17.89
C THR B 147 4.86 -11.27 -17.78
N GLY B 155 3.92 -16.25 -12.31
CA GLY B 155 3.15 -15.12 -12.77
C GLY B 155 2.40 -14.40 -11.66
N GLN B 156 1.42 -15.05 -11.04
CA GLN B 156 0.65 -14.51 -9.93
C GLN B 156 0.98 -15.22 -8.64
N PRO B 157 0.92 -14.55 -7.50
CA PRO B 157 1.25 -15.24 -6.24
C PRO B 157 0.03 -15.92 -5.65
N SER B 158 0.28 -16.99 -4.92
CA SER B 158 -0.68 -17.71 -4.12
C SER B 158 -0.98 -16.95 -2.83
N VAL B 159 0.05 -16.33 -2.24
CA VAL B 159 -0.15 -15.53 -1.05
C VAL B 159 0.54 -14.16 -1.10
N LEU B 160 0.17 -13.30 -0.16
CA LEU B 160 0.69 -11.94 -0.09
C LEU B 160 2.19 -11.89 -0.22
N GLN B 161 2.67 -10.95 -1.03
CA GLN B 161 4.10 -10.80 -1.24
C GLN B 161 4.62 -9.57 -0.49
N VAL B 162 5.89 -9.65 -0.09
CA VAL B 162 6.48 -8.53 0.64
C VAL B 162 7.87 -8.26 0.07
N VAL B 163 8.29 -7.01 0.07
CA VAL B 163 9.66 -6.68 -0.35
C VAL B 163 10.13 -5.43 0.38
N ASN B 164 11.36 -5.43 0.88
CA ASN B 164 11.92 -4.23 1.52
C ASN B 164 12.76 -3.46 0.50
N LEU B 165 12.63 -2.15 0.44
CA LEU B 165 13.33 -1.34 -0.55
C LEU B 165 13.82 -0.01 0.02
N PRO B 166 15.02 0.41 -0.35
CA PRO B 166 15.51 1.70 0.15
C PRO B 166 14.94 2.89 -0.62
N ILE B 167 14.64 3.95 0.12
CA ILE B 167 14.21 5.20 -0.49
C ILE B 167 15.35 5.82 -1.29
N VAL B 168 15.07 6.33 -2.49
CA VAL B 168 16.19 6.79 -3.32
C VAL B 168 16.30 8.31 -3.38
N GLU B 169 17.54 8.77 -3.52
CA GLU B 169 17.87 10.17 -3.63
C GLU B 169 17.03 10.84 -4.73
N ARG B 170 16.55 12.03 -4.45
CA ARG B 170 15.67 12.78 -5.34
C ARG B 170 16.26 13.01 -6.73
N PRO B 171 17.50 13.47 -6.86
CA PRO B 171 18.07 13.65 -8.21
C PRO B 171 18.15 12.33 -8.98
N VAL B 172 18.41 11.25 -8.24
CA VAL B 172 18.51 9.97 -8.95
C VAL B 172 17.13 9.53 -9.43
N CYS B 173 16.13 9.76 -8.60
CA CYS B 173 14.77 9.46 -9.05
C CYS B 173 14.50 10.26 -10.33
N LYS B 174 14.81 11.56 -10.27
CA LYS B 174 14.44 12.43 -11.40
C LYS B 174 15.17 12.02 -12.68
N ASP B 175 16.41 11.59 -12.55
CA ASP B 175 17.26 11.19 -13.66
C ASP B 175 16.92 9.81 -14.20
N SER B 176 15.96 9.12 -13.58
CA SER B 176 15.62 7.79 -14.06
C SER B 176 14.43 7.84 -15.02
N THR B 177 13.78 8.99 -15.11
CA THR B 177 12.53 9.06 -15.89
C THR B 177 12.29 10.39 -16.58
N ARG B 178 11.51 10.36 -17.66
CA ARG B 178 11.09 11.56 -18.36
C ARG B 178 9.86 12.18 -17.69
N ILE B 179 9.21 11.40 -16.82
CA ILE B 179 8.05 11.89 -16.08
C ILE B 179 8.45 12.97 -15.07
N ARG B 180 7.57 13.97 -15.00
CA ARG B 180 7.81 15.06 -14.07
C ARG B 180 7.43 14.60 -12.65
N ILE B 181 8.42 14.61 -11.78
CA ILE B 181 8.30 14.25 -10.38
C ILE B 181 7.92 15.47 -9.53
N THR B 182 7.12 15.27 -8.48
CA THR B 182 6.74 16.35 -7.59
C THR B 182 7.12 16.02 -6.14
N ASP B 183 6.91 16.98 -5.24
CA ASP B 183 7.21 16.86 -3.81
C ASP B 183 6.27 15.89 -3.11
N ASN B 184 5.16 15.59 -3.79
CA ASN B 184 4.12 14.66 -3.40
C ASN B 184 4.42 13.21 -3.76
N MET B 185 5.64 12.94 -4.21
CA MET B 185 6.13 11.64 -4.63
C MET B 185 7.53 11.40 -4.06
N PHE B 186 7.84 10.13 -3.91
CA PHE B 186 9.22 9.70 -3.68
C PHE B 186 9.45 8.39 -4.44
N CYS B 187 10.69 7.99 -4.64
CA CYS B 187 10.92 6.71 -5.33
C CYS B 187 11.82 5.85 -4.46
N ALA B 188 11.71 4.55 -4.66
CA ALA B 188 12.35 3.55 -3.83
C ALA B 188 12.78 2.37 -4.69
N GLY B 189 13.84 1.69 -4.29
CA GLY B 189 14.44 0.64 -5.08
C GLY B 189 15.96 0.67 -5.05
N TYR B 190 16.51 -0.50 -5.38
CA TYR B 190 17.94 -0.72 -5.46
C TYR B 190 18.51 -0.23 -6.79
N LYS B 191 19.72 0.32 -6.73
CA LYS B 191 20.45 0.70 -7.93
C LYS B 191 20.94 -0.57 -8.63
N PRO B 192 21.35 -0.47 -9.88
CA PRO B 192 21.89 -1.66 -10.55
C PRO B 192 23.13 -2.17 -9.82
N ASP B 193 23.98 -1.24 -9.41
CA ASP B 193 25.28 -1.55 -8.80
C ASP B 193 25.14 -2.22 -7.44
N GLU B 194 23.99 -2.08 -6.80
CA GLU B 194 23.75 -2.60 -5.47
C GLU B 194 23.45 -4.09 -5.50
N GLY B 195 23.11 -4.62 -6.68
CA GLY B 195 22.86 -6.04 -6.82
C GLY B 195 21.47 -6.45 -6.41
N LYS B 196 21.07 -6.09 -5.19
CA LYS B 196 19.73 -6.42 -4.70
C LYS B 196 18.67 -5.90 -5.67
N ARG B 197 17.55 -6.59 -5.75
CA ARG B 197 16.43 -6.31 -6.63
C ARG B 197 15.11 -6.22 -5.86
N GLY B 198 14.04 -5.97 -6.61
CA GLY B 198 12.69 -5.88 -6.13
C GLY B 198 11.94 -4.63 -6.48
N ASP B 199 10.62 -4.80 -6.59
CA ASP B 199 9.76 -3.72 -7.01
C ASP B 199 8.29 -4.11 -6.83
N ALA B 200 7.45 -3.08 -6.72
CA ALA B 200 6.03 -3.30 -6.87
C ALA B 200 5.74 -3.49 -8.36
N CYS B 201 4.56 -3.96 -8.68
CA CYS B 201 4.22 -4.18 -10.09
C CYS B 201 2.71 -4.07 -10.27
N GLU B 202 2.24 -4.38 -11.46
CA GLU B 202 0.80 -4.35 -11.72
C GLU B 202 0.07 -5.18 -10.67
N GLY B 203 -1.00 -4.60 -10.15
CA GLY B 203 -1.83 -5.17 -9.12
C GLY B 203 -1.46 -4.76 -7.70
N ASP B 204 -0.25 -4.25 -7.47
CA ASP B 204 0.24 -3.78 -6.20
C ASP B 204 -0.19 -2.34 -5.93
N SER B 205 -0.60 -1.67 -6.98
CA SER B 205 -1.20 -0.36 -7.00
C SER B 205 -2.06 -0.09 -5.76
N GLY B 206 -1.83 1.01 -5.05
CA GLY B 206 -2.70 1.46 -3.98
C GLY B 206 -2.33 0.89 -2.61
N GLY B 207 -1.45 -0.08 -2.61
CA GLY B 207 -0.93 -0.75 -1.44
C GLY B 207 0.10 0.14 -0.75
N PRO B 208 0.41 -0.23 0.49
CA PRO B 208 1.23 0.61 1.35
C PRO B 208 2.73 0.38 1.27
N PHE B 209 3.45 1.47 1.41
CA PHE B 209 4.88 1.49 1.69
C PHE B 209 5.04 1.89 3.16
N VAL B 210 5.47 0.97 4.02
CA VAL B 210 5.52 1.20 5.46
C VAL B 210 6.95 1.16 5.98
N MET B 211 7.16 1.90 7.06
CA MET B 211 8.44 1.95 7.78
C MET B 211 8.18 1.76 9.28
N LYS B 212 9.13 1.12 9.96
CA LYS B 212 8.94 0.90 11.40
C LYS B 212 9.80 1.89 12.17
N SER B 213 9.10 2.75 12.90
CA SER B 213 9.80 3.72 13.72
C SER B 213 10.73 3.04 14.72
N PRO B 214 12.01 3.42 14.75
CA PRO B 214 12.92 2.90 15.76
C PRO B 214 12.74 3.55 17.14
N PHE B 215 12.03 4.64 17.20
CA PHE B 215 11.65 5.48 18.32
C PHE B 215 10.47 4.92 19.10
N ASN B 216 9.40 4.47 18.42
CA ASN B 216 8.25 3.98 19.17
C ASN B 216 7.76 2.60 18.73
N ASN B 217 8.54 1.95 17.89
CA ASN B 217 8.40 0.64 17.28
C ASN B 217 7.05 0.47 16.61
N ARG B 218 6.54 1.58 16.07
CA ARG B 218 5.25 1.46 15.38
C ARG B 218 5.40 1.60 13.87
N TRP B 219 4.49 0.94 13.16
CA TRP B 219 4.53 0.99 11.70
C TRP B 219 3.74 2.18 11.17
N TYR B 220 4.39 2.93 10.29
CA TYR B 220 3.81 4.11 9.69
C TYR B 220 3.73 3.96 8.19
N GLN B 221 2.63 4.43 7.61
CA GLN B 221 2.63 4.27 6.15
C GLN B 221 3.09 5.58 5.51
N MET B 222 4.27 5.50 4.88
CA MET B 222 4.90 6.69 4.33
C MET B 222 4.51 6.87 2.86
N GLY B 223 4.21 5.76 2.19
CA GLY B 223 3.92 5.84 0.76
C GLY B 223 2.74 5.00 0.35
N ILE B 224 2.22 5.32 -0.83
CA ILE B 224 1.25 4.50 -1.52
C ILE B 224 1.78 4.08 -2.89
N VAL B 225 1.64 2.80 -3.24
CA VAL B 225 2.16 2.36 -4.53
C VAL B 225 1.45 3.14 -5.64
N SER B 226 2.20 3.93 -6.39
CA SER B 226 1.60 4.82 -7.37
C SER B 226 1.93 4.49 -8.81
N TRP B 227 3.20 4.54 -9.20
CA TRP B 227 3.53 4.24 -10.58
C TRP B 227 4.98 3.80 -10.74
N GLY B 228 5.23 3.34 -11.95
CA GLY B 228 6.49 2.80 -12.41
C GLY B 228 6.49 2.63 -13.93
N GLU B 229 7.68 2.39 -14.45
CA GLU B 229 7.84 2.14 -15.88
C GLU B 229 8.44 0.75 -16.05
N GLY B 230 7.55 -0.20 -16.28
CA GLY B 230 7.91 -1.60 -16.17
C GLY B 230 7.98 -1.96 -14.69
N CYS B 231 8.53 -3.14 -14.40
CA CYS B 231 8.70 -3.59 -13.03
C CYS B 231 10.10 -4.16 -12.85
N ASP B 232 10.75 -3.75 -11.76
CA ASP B 232 12.05 -4.26 -11.38
C ASP B 232 13.02 -4.17 -12.55
N ARG B 233 12.95 -3.06 -13.29
CA ARG B 233 13.92 -2.90 -14.39
C ARG B 233 15.18 -2.23 -13.87
N ASP B 234 16.33 -2.57 -14.42
CA ASP B 234 17.54 -1.87 -13.99
C ASP B 234 17.45 -0.40 -14.38
N GLY B 235 17.91 0.47 -13.50
CA GLY B 235 17.98 1.91 -13.71
C GLY B 235 16.67 2.62 -13.45
N LYS B 236 15.61 1.85 -13.20
CA LYS B 236 14.29 2.40 -12.93
C LYS B 236 13.90 2.14 -11.47
N TYR B 237 12.95 2.91 -10.97
CA TYR B 237 12.56 2.94 -9.57
C TYR B 237 11.05 2.97 -9.44
N GLY B 238 10.50 2.43 -8.37
CA GLY B 238 9.07 2.54 -8.13
C GLY B 238 8.76 3.91 -7.53
N PHE B 239 7.65 4.49 -7.93
CA PHE B 239 7.23 5.80 -7.41
C PHE B 239 6.05 5.63 -6.45
N TYR B 240 6.09 6.42 -5.38
CA TYR B 240 5.12 6.35 -4.30
C TYR B 240 4.54 7.70 -3.94
N THR B 241 3.24 7.70 -3.70
CA THR B 241 2.57 8.85 -3.13
C THR B 241 3.12 9.17 -1.75
N HIS B 242 3.48 10.43 -1.56
CA HIS B 242 4.04 10.89 -0.27
C HIS B 242 2.90 11.14 0.72
N VAL B 243 2.67 10.18 1.61
CA VAL B 243 1.46 10.23 2.43
C VAL B 243 1.50 11.45 3.35
N PHE B 244 2.64 11.73 3.98
CA PHE B 244 2.64 12.87 4.90
C PHE B 244 2.32 14.19 4.20
N ARG B 245 2.82 14.39 3.00
CA ARG B 245 2.60 15.63 2.27
C ARG B 245 1.14 15.80 1.91
N LEU B 246 0.36 14.72 1.99
CA LEU B 246 -1.07 14.88 1.67
C LEU B 246 -1.94 14.65 2.90
N LYS B 247 -1.30 14.65 4.06
CA LYS B 247 -1.98 14.47 5.32
C LYS B 247 -3.07 15.50 5.59
N LYS B 248 -2.90 16.75 5.16
CA LYS B 248 -3.91 17.75 5.48
C LYS B 248 -5.24 17.38 4.85
N TRP B 249 -5.18 16.94 3.60
CA TRP B 249 -6.39 16.47 2.93
C TRP B 249 -7.00 15.24 3.62
N ILE B 250 -6.17 14.29 4.03
CA ILE B 250 -6.67 13.11 4.75
C ILE B 250 -7.45 13.52 6.00
N GLN B 251 -6.89 14.44 6.76
CA GLN B 251 -7.54 14.76 8.04
C GLN B 251 -8.79 15.60 7.78
N LYS B 252 -8.72 16.41 6.73
CA LYS B 252 -9.88 17.20 6.33
C LYS B 252 -11.04 16.29 5.94
N VAL B 253 -10.77 15.25 5.16
CA VAL B 253 -11.84 14.35 4.74
C VAL B 253 -12.42 13.66 5.98
N ILE B 254 -11.47 13.30 6.84
CA ILE B 254 -11.90 12.41 7.93
C ILE B 254 -12.54 13.27 9.02
N ASP B 255 -12.01 14.47 9.23
CA ASP B 255 -12.62 15.43 10.15
C ASP B 255 -14.03 15.80 9.70
N GLN B 256 -14.25 15.97 8.39
CA GLN B 256 -15.55 16.34 7.85
C GLN B 256 -16.50 15.16 7.73
N PHE B 257 -16.01 14.01 7.27
CA PHE B 257 -16.96 12.92 7.02
C PHE B 257 -16.91 11.77 7.99
N ASP C 1 -11.33 -18.01 -11.37
CA ASP C 1 -10.04 -18.27 -10.70
C ASP C 1 -10.03 -17.76 -9.26
N PHE C 2 -10.83 -16.75 -8.93
CA PHE C 2 -10.97 -16.42 -7.52
C PHE C 2 -12.08 -17.27 -6.92
N GLU C 3 -11.92 -17.80 -5.72
CA GLU C 3 -13.00 -18.51 -5.04
C GLU C 3 -14.14 -17.54 -4.74
N GLU C 4 -15.33 -18.04 -4.99
CA GLU C 4 -16.54 -17.28 -4.70
C GLU C 4 -16.57 -16.89 -3.22
N ILE C 5 -17.08 -15.69 -2.98
CA ILE C 5 -17.30 -15.20 -1.63
C ILE C 5 -18.78 -15.30 -1.29
N PRO C 6 -19.11 -15.32 0.00
CA PRO C 6 -20.50 -15.40 0.44
C PRO C 6 -21.43 -14.40 -0.27
N GLU C 7 -22.54 -14.96 -0.75
CA GLU C 7 -23.58 -14.22 -1.46
C GLU C 7 -24.00 -12.99 -0.69
N GLU C 8 -23.97 -13.09 0.64
CA GLU C 8 -24.26 -11.93 1.47
C GLU C 8 -23.37 -10.75 1.08
N TYS C 9 -22.16 -11.02 0.63
CA TYS C 9 -21.24 -9.96 0.25
CB TYS C 9 -19.78 -10.46 0.36
CG TYS C 9 -19.47 -10.80 1.81
CD1 TYS C 9 -19.67 -9.82 2.78
CD2 TYS C 9 -19.04 -12.05 2.19
CE1 TYS C 9 -19.41 -10.09 4.11
CE2 TYS C 9 -18.78 -12.31 3.53
CZ TYS C 9 -18.96 -11.33 4.48
OH TYS C 9 -18.70 -11.59 5.80
S TYS C 9 -17.32 -11.84 6.30
O1 TYS C 9 -17.07 -10.42 6.45
O2 TYS C 9 -16.40 -12.44 5.28
O3 TYS C 9 -17.39 -12.69 7.48
C TYS C 9 -21.53 -9.46 -1.16
O TYS C 9 -21.14 -8.38 -1.57
N LEU C 10 -22.26 -10.32 -1.89
CA LEU C 10 -22.53 -10.02 -3.30
C LEU C 10 -21.23 -10.09 -4.09
C26 RA4 D . 3.43 5.04 -17.88
O25 RA4 D . 3.90 6.06 -18.38
C27 RA4 D . 4.24 3.77 -18.08
C28 RA4 D . 5.53 3.92 -18.61
C29 RA4 D . 6.22 2.81 -19.09
C30 RA4 D . 5.65 1.54 -19.05
C34 RA4 D . 4.37 1.40 -18.51
C35 RA4 D . 3.67 2.51 -18.03
N31 RA4 D . 6.35 0.48 -19.52
O32 RA4 D . 7.64 0.67 -20.07
O33 RA4 D . 5.89 -0.64 -19.51
N24 RA4 D . 2.32 5.03 -17.14
C23 RA4 D . 2.31 5.39 -15.75
C18 RA4 D . 1.61 4.41 -14.84
O17 RA4 D . 2.41 3.89 -14.06
C22 RA4 D . 1.86 6.84 -15.51
C21 RA4 D . 2.99 7.85 -15.51
C19 RA4 D . 2.88 8.83 -14.32
C20 RA4 D . 4.37 7.17 -15.55
N16 RA4 D . 0.29 4.42 -14.50
C12 RA4 D . -0.20 3.93 -13.22
C11 RA4 D . 0.24 2.52 -12.95
O10 RA4 D . 0.05 1.66 -13.80
C13 RA4 D . -1.73 3.93 -13.41
C14 RA4 D . -2.00 4.85 -14.63
C15 RA4 D . -0.72 4.78 -15.48
N9 RA4 D . 0.48 2.25 -11.72
C8 RA4 D . 0.86 0.86 -11.56
C7 RA4 D . 1.86 0.82 -10.38
C6 RA4 D . 3.05 -0.07 -10.77
C5 RA4 D . 4.23 0.16 -9.78
N4 RA4 D . 5.40 0.00 -10.59
C2 RA4 D . 6.53 -0.09 -10.02
N1 RA4 D . 6.77 0.09 -8.78
N3 RA4 D . 7.50 -0.38 -10.80
#